data_3L06
#
_entry.id   3L06
#
_cell.length_a   129.721
_cell.length_b   129.721
_cell.length_c   129.721
_cell.angle_alpha   90.000
_cell.angle_beta   90.000
_cell.angle_gamma   90.000
#
_symmetry.space_group_name_H-M   'I 21 3'
#
loop_
_entity.id
_entity.type
_entity.pdbx_description
1 polymer 'N-acetylornithine carbamoyltransferase'
2 non-polymer N-(3-CARBOXYPROPANOYL)-L-NORVALINE
3 non-polymer 'PHOSPHORIC ACID MONO(FORMAMIDE)ESTER'
4 non-polymer 'SULFATE ION'
5 water water
#
_entity_poly.entity_id   1
_entity_poly.type   'polypeptide(L)'
_entity_poly.pdbx_seq_one_letter_code
;MGSSHHHHHHSSGLVPRGSHMSLKHFLNTQDWSRAELDALLTQAALFKRNKLGSELKGKSIALVFFNPSMRTRTSFELGA
FQLGGHAVVLQPGKDAWPIEFNLGTVMDGDTVEHIAEVARVLGRYVDLIGVRAFPKFVDWSKDREDQVLKSFAKYSPVPV
INMETITHPCQELAHALALQEHFGTPDLRGKKYVLTWTYHPKPLNTAVANSALTIATRMGMDVTLLCPTPDYILDERYMD
WAAQNVAESGGSLQVSHDIDSAYAGADVVYAKSWGALPFFGNWEPEKPIRDQYQHFIVDERKMALTNNGVFSHCLPLRRN
V(KCX)ATDAVMDSPNCIAIDEAENRLHVQKAIMAALVGQSRP
;
_entity_poly.pdbx_strand_id   A
#
loop_
_chem_comp.id
_chem_comp.type
_chem_comp.name
_chem_comp.formula
CP non-polymer 'PHOSPHORIC ACID MONO(FORMAMIDE)ESTER' 'C H4 N O5 P'
SN0 non-polymer N-(3-CARBOXYPROPANOYL)-L-NORVALINE 'C9 H15 N O5'
SO4 non-polymer 'SULFATE ION' 'O4 S -2'
#
# COMPACT_ATOMS: atom_id res chain seq x y z
N LEU A 23 -19.73 -10.94 6.03
CA LEU A 23 -18.37 -10.96 6.63
C LEU A 23 -17.54 -9.75 6.15
N LYS A 24 -16.95 -9.02 7.08
CA LYS A 24 -16.17 -7.83 6.76
C LYS A 24 -14.67 -8.10 6.65
N HIS A 25 -14.08 -7.69 5.52
CA HIS A 25 -12.66 -7.86 5.26
C HIS A 25 -12.02 -6.48 5.19
N PHE A 26 -10.72 -6.45 4.92
CA PHE A 26 -9.98 -5.19 4.75
C PHE A 26 -9.11 -5.38 3.51
N LEU A 27 -9.73 -5.33 2.33
CA LEU A 27 -8.99 -5.52 1.09
C LEU A 27 -8.54 -4.20 0.53
N ASN A 28 -9.40 -3.20 0.67
CA ASN A 28 -9.11 -1.84 0.20
C ASN A 28 -9.81 -0.81 1.08
N THR A 29 -9.23 0.38 1.18
CA THR A 29 -9.85 1.42 2.00
C THR A 29 -11.15 1.83 1.34
N GLN A 30 -11.17 1.77 0.02
CA GLN A 30 -12.35 2.15 -0.74
C GLN A 30 -13.60 1.42 -0.28
N ASP A 31 -13.48 0.15 0.07
CA ASP A 31 -14.65 -0.62 0.51
C ASP A 31 -15.21 -0.11 1.81
N TRP A 32 -14.45 0.74 2.48
CA TRP A 32 -14.87 1.27 3.77
C TRP A 32 -15.42 2.69 3.68
N SER A 33 -16.34 3.00 4.59
CA SER A 33 -16.93 4.32 4.63
C SER A 33 -15.93 5.22 5.35
N ARG A 34 -16.08 6.53 5.15
CA ARG A 34 -15.20 7.49 5.78
C ARG A 34 -15.31 7.44 7.29
N ALA A 35 -16.48 7.06 7.79
CA ALA A 35 -16.70 6.99 9.23
C ALA A 35 -15.86 5.90 9.84
N GLU A 36 -15.82 4.76 9.17
CA GLU A 36 -15.07 3.59 9.61
C GLU A 36 -13.57 3.87 9.55
N LEU A 37 -13.13 4.43 8.43
CA LEU A 37 -11.72 4.77 8.27
C LEU A 37 -11.32 5.70 9.40
N ASP A 38 -12.15 6.71 9.65
CA ASP A 38 -11.91 7.69 10.70
C ASP A 38 -11.77 6.99 12.03
N ALA A 39 -12.64 6.02 12.27
CA ALA A 39 -12.61 5.27 13.52
C ALA A 39 -11.31 4.48 13.60
N LEU A 40 -10.90 3.92 12.45
CA LEU A 40 -9.68 3.15 12.37
C LEU A 40 -8.45 3.99 12.72
N LEU A 41 -8.36 5.20 12.18
CA LEU A 41 -7.20 6.04 12.47
C LEU A 41 -7.13 6.45 13.93
N THR A 42 -8.28 6.57 14.55
CA THR A 42 -8.35 6.98 15.94
C THR A 42 -7.96 5.85 16.89
N GLN A 43 -8.37 4.64 16.56
CA GLN A 43 -8.03 3.50 17.39
C GLN A 43 -6.53 3.27 17.21
N ALA A 44 -6.03 3.64 16.03
CA ALA A 44 -4.63 3.51 15.72
C ALA A 44 -3.91 4.45 16.67
N ALA A 45 -4.36 5.70 16.68
CA ALA A 45 -3.81 6.74 17.56
C ALA A 45 -3.84 6.26 19.00
N LEU A 46 -4.89 5.53 19.34
CA LEU A 46 -5.06 5.00 20.67
C LEU A 46 -4.03 3.92 20.95
N PHE A 47 -4.02 2.89 20.10
CA PHE A 47 -3.06 1.81 20.28
C PHE A 47 -1.66 2.38 20.36
N LYS A 48 -1.45 3.55 19.75
CA LYS A 48 -0.14 4.17 19.78
C LYS A 48 0.16 4.74 21.16
N ARG A 49 -0.88 5.00 21.94
CA ARG A 49 -0.69 5.53 23.29
C ARG A 49 -0.50 4.40 24.30
N ASN A 50 -1.15 3.28 24.02
CA ASN A 50 -1.06 2.09 24.87
C ASN A 50 -0.91 0.90 23.94
N LYS A 51 0.33 0.51 23.68
CA LYS A 51 0.58 -0.62 22.77
C LYS A 51 0.00 -1.96 23.21
N LEU A 52 0.03 -2.28 24.50
CA LEU A 52 -0.48 -3.56 24.95
C LEU A 52 -1.97 -3.61 25.22
N GLY A 53 -2.58 -4.73 24.82
CA GLY A 53 -4.01 -4.90 25.03
C GLY A 53 -4.33 -6.38 24.96
N SER A 54 -5.61 -6.71 24.98
CA SER A 54 -5.98 -8.10 24.94
C SER A 54 -7.05 -8.37 23.88
N GLU A 55 -7.19 -7.43 22.95
CA GLU A 55 -8.18 -7.55 21.88
C GLU A 55 -7.94 -8.83 21.04
N LEU A 56 -6.75 -9.41 21.16
CA LEU A 56 -6.45 -10.61 20.40
C LEU A 56 -6.06 -11.76 21.31
N LYS A 57 -6.34 -11.62 22.61
CA LYS A 57 -6.02 -12.66 23.58
C LYS A 57 -6.55 -14.00 23.10
N GLY A 58 -5.64 -14.97 22.97
CA GLY A 58 -6.00 -16.31 22.52
C GLY A 58 -6.23 -16.48 21.02
N LYS A 59 -6.37 -15.39 20.30
CA LYS A 59 -6.61 -15.45 18.87
C LYS A 59 -5.30 -15.55 18.10
N SER A 60 -5.41 -15.67 16.77
CA SER A 60 -4.23 -15.78 15.92
C SER A 60 -4.53 -15.37 14.47
N ILE A 61 -3.48 -15.11 13.72
CA ILE A 61 -3.60 -14.70 12.32
C ILE A 61 -2.54 -15.37 11.47
N ALA A 62 -2.93 -15.88 10.30
CA ALA A 62 -1.98 -16.52 9.42
C ALA A 62 -1.54 -15.50 8.36
N LEU A 63 -0.26 -15.14 8.39
CA LEU A 63 0.29 -14.18 7.44
C LEU A 63 0.86 -14.90 6.22
N VAL A 64 0.16 -14.85 5.09
CA VAL A 64 0.62 -15.53 3.88
C VAL A 64 1.36 -14.61 2.92
N PHE A 65 2.66 -14.85 2.76
CA PHE A 65 3.52 -14.04 1.90
C PHE A 65 3.99 -14.74 0.62
N PHE A 66 3.64 -14.19 -0.54
CA PHE A 66 4.12 -14.79 -1.79
C PHE A 66 5.25 -13.95 -2.33
N ASN A 67 5.68 -12.99 -1.51
CA ASN A 67 6.76 -12.06 -1.86
C ASN A 67 7.48 -11.59 -0.60
N PRO A 68 8.69 -11.00 -0.74
CA PRO A 68 9.46 -10.53 0.42
C PRO A 68 8.74 -9.47 1.24
N SER A 69 9.19 -9.28 2.48
CA SER A 69 8.60 -8.30 3.37
C SER A 69 9.41 -8.15 4.64
N MET A 70 9.51 -6.92 5.11
CA MET A 70 10.23 -6.68 6.34
C MET A 70 9.27 -5.96 7.27
N ARG A 71 8.85 -4.76 6.88
CA ARG A 71 7.95 -3.97 7.70
C ARG A 71 6.63 -4.67 7.99
N THR A 72 5.98 -5.13 6.93
CA THR A 72 4.71 -5.79 7.05
C THR A 72 4.78 -7.01 7.95
N ARG A 73 5.73 -7.89 7.64
CA ARG A 73 5.91 -9.10 8.43
C ARG A 73 6.11 -8.78 9.90
N THR A 74 7.04 -7.88 10.17
CA THR A 74 7.38 -7.52 11.54
C THR A 74 6.27 -6.80 12.30
N SER A 75 5.68 -5.77 11.70
CA SER A 75 4.63 -5.02 12.41
C SER A 75 3.39 -5.86 12.69
N PHE A 76 3.11 -6.84 11.84
CA PHE A 76 1.96 -7.71 12.06
C PHE A 76 2.31 -8.72 13.14
N GLU A 77 3.46 -9.38 13.00
CA GLU A 77 3.86 -10.36 13.99
C GLU A 77 3.91 -9.80 15.41
N LEU A 78 4.30 -8.54 15.54
CA LEU A 78 4.37 -7.88 16.85
C LEU A 78 3.02 -7.38 17.33
N GLY A 79 2.24 -6.84 16.40
CA GLY A 79 0.92 -6.34 16.72
C GLY A 79 0.08 -7.44 17.33
N ALA A 80 0.17 -8.64 16.76
CA ALA A 80 -0.60 -9.78 17.27
C ALA A 80 -0.10 -10.13 18.67
N PHE A 81 1.22 -10.08 18.85
CA PHE A 81 1.79 -10.38 20.15
C PHE A 81 1.41 -9.31 21.17
N GLN A 82 1.45 -8.04 20.76
CA GLN A 82 1.11 -6.96 21.66
C GLN A 82 -0.38 -6.96 22.04
N LEU A 83 -1.18 -7.76 21.35
CA LEU A 83 -2.61 -7.84 21.64
C LEU A 83 -3.07 -9.20 22.22
N GLY A 84 -2.11 -10.01 22.64
CA GLY A 84 -2.44 -11.30 23.22
C GLY A 84 -2.64 -12.42 22.20
N GLY A 85 -2.54 -12.10 20.93
CA GLY A 85 -2.70 -13.11 19.91
C GLY A 85 -1.36 -13.69 19.48
N HIS A 86 -1.39 -14.44 18.38
CA HIS A 86 -0.19 -15.07 17.82
C HIS A 86 -0.25 -15.10 16.32
N ALA A 87 0.83 -14.67 15.68
CA ALA A 87 0.86 -14.68 14.21
C ALA A 87 1.62 -15.91 13.72
N VAL A 88 1.12 -16.56 12.68
CA VAL A 88 1.78 -17.71 12.11
C VAL A 88 2.14 -17.33 10.69
N VAL A 89 3.42 -17.11 10.45
CA VAL A 89 3.87 -16.72 9.11
C VAL A 89 4.01 -17.91 8.18
N LEU A 90 3.46 -17.78 6.98
CA LEU A 90 3.53 -18.84 5.99
C LEU A 90 4.02 -18.29 4.66
N GLN A 91 4.93 -19.02 4.02
CA GLN A 91 5.47 -18.58 2.73
C GLN A 91 5.32 -19.69 1.71
N PRO A 92 4.15 -19.78 1.06
CA PRO A 92 3.92 -20.82 0.06
C PRO A 92 5.12 -20.90 -0.89
N GLY A 93 5.67 -22.09 -1.04
CA GLY A 93 6.82 -22.28 -1.92
C GLY A 93 8.10 -22.39 -1.13
N LYS A 94 8.15 -21.79 0.04
CA LYS A 94 9.35 -21.89 0.85
C LYS A 94 9.08 -22.93 1.93
N ASP A 95 8.06 -22.70 2.74
CA ASP A 95 7.71 -23.62 3.81
C ASP A 95 6.38 -24.33 3.52
N ALA A 96 5.36 -23.53 3.26
CA ALA A 96 4.04 -24.07 2.96
C ALA A 96 4.04 -24.54 1.51
N TRP A 97 3.00 -25.30 1.14
CA TRP A 97 2.87 -25.82 -0.22
C TRP A 97 2.28 -24.76 -1.16
N PRO A 98 2.77 -24.72 -2.42
CA PRO A 98 2.32 -23.78 -3.46
C PRO A 98 0.83 -23.95 -3.79
N ILE A 99 0.11 -22.84 -3.88
CA ILE A 99 -1.32 -22.90 -4.14
C ILE A 99 -1.79 -22.67 -5.58
N GLU A 100 -2.92 -23.25 -5.91
CA GLU A 100 -3.54 -23.11 -7.21
C GLU A 100 -4.74 -22.17 -7.02
N PHE A 101 -4.93 -21.23 -7.95
CA PHE A 101 -6.05 -20.30 -7.84
C PHE A 101 -7.12 -20.47 -8.92
N ASN A 102 -6.74 -20.99 -10.07
CA ASN A 102 -7.68 -21.19 -11.17
C ASN A 102 -8.66 -22.35 -10.89
N LEU A 103 -9.91 -22.14 -11.25
CA LEU A 103 -10.95 -23.15 -11.04
C LEU A 103 -11.01 -24.23 -12.11
N GLY A 104 -11.50 -25.39 -11.74
CA GLY A 104 -11.64 -26.49 -12.69
C GLY A 104 -10.36 -26.96 -13.36
N THR A 105 -9.29 -26.21 -13.16
CA THR A 105 -8.01 -26.57 -13.75
C THR A 105 -7.62 -27.95 -13.26
N VAL A 106 -6.77 -28.64 -14.02
CA VAL A 106 -6.33 -29.97 -13.65
C VAL A 106 -4.93 -29.85 -13.07
N MET A 107 -4.85 -30.00 -11.76
CA MET A 107 -3.60 -29.85 -11.03
C MET A 107 -2.60 -30.98 -11.14
N ASP A 108 -1.80 -30.92 -12.21
CA ASP A 108 -0.75 -31.91 -12.46
C ASP A 108 0.55 -31.15 -12.73
N GLY A 109 0.57 -29.88 -12.34
CA GLY A 109 1.75 -29.06 -12.55
C GLY A 109 2.51 -28.81 -11.26
N ASP A 110 2.86 -27.56 -11.01
CA ASP A 110 3.60 -27.22 -9.80
C ASP A 110 2.73 -26.89 -8.61
N THR A 111 1.48 -26.53 -8.85
CA THR A 111 0.58 -26.21 -7.76
C THR A 111 0.17 -27.50 -7.03
N VAL A 112 0.35 -27.52 -5.72
CA VAL A 112 0.04 -28.69 -4.90
C VAL A 112 -1.37 -28.73 -4.30
N GLU A 113 -1.90 -27.59 -3.86
CA GLU A 113 -3.28 -27.55 -3.34
C GLU A 113 -4.01 -26.32 -3.83
N HIS A 114 -5.32 -26.33 -3.67
CA HIS A 114 -6.14 -25.23 -4.15
C HIS A 114 -6.60 -24.28 -3.04
N ILE A 115 -6.58 -22.99 -3.36
CA ILE A 115 -6.99 -21.96 -2.41
C ILE A 115 -8.35 -22.28 -1.76
N ALA A 116 -9.21 -23.00 -2.47
CA ALA A 116 -10.52 -23.35 -1.93
C ALA A 116 -10.36 -24.19 -0.67
N GLU A 117 -9.31 -25.02 -0.65
CA GLU A 117 -9.06 -25.85 0.52
C GLU A 117 -8.17 -25.12 1.52
N VAL A 118 -7.16 -24.42 1.02
CA VAL A 118 -6.26 -23.72 1.90
C VAL A 118 -6.99 -22.69 2.76
N ALA A 119 -7.89 -21.94 2.14
CA ALA A 119 -8.63 -20.93 2.88
C ALA A 119 -9.55 -21.54 3.92
N ARG A 120 -10.31 -22.55 3.52
CA ARG A 120 -11.25 -23.19 4.44
C ARG A 120 -10.51 -23.83 5.60
N VAL A 121 -9.28 -24.26 5.34
CA VAL A 121 -8.48 -24.89 6.37
C VAL A 121 -7.88 -23.86 7.32
N LEU A 122 -7.22 -22.86 6.77
CA LEU A 122 -6.66 -21.83 7.63
C LEU A 122 -7.81 -21.32 8.45
N GLY A 123 -8.98 -21.32 7.85
CA GLY A 123 -10.18 -20.88 8.54
C GLY A 123 -10.53 -21.73 9.75
N ARG A 124 -9.90 -22.88 9.90
CA ARG A 124 -10.18 -23.75 11.05
C ARG A 124 -9.13 -23.56 12.12
N TYR A 125 -7.97 -23.03 11.73
CA TYR A 125 -6.90 -22.83 12.70
C TYR A 125 -6.81 -21.37 13.16
N VAL A 126 -6.92 -20.43 12.23
CA VAL A 126 -6.79 -19.03 12.61
C VAL A 126 -8.06 -18.21 12.67
N ASP A 127 -7.94 -17.00 13.21
CA ASP A 127 -9.05 -16.06 13.37
C ASP A 127 -8.99 -15.01 12.30
N LEU A 128 -7.82 -14.86 11.69
CA LEU A 128 -7.59 -13.86 10.66
C LEU A 128 -6.59 -14.36 9.66
N ILE A 129 -6.67 -13.82 8.45
CA ILE A 129 -5.74 -14.21 7.41
C ILE A 129 -5.26 -12.99 6.67
N GLY A 130 -3.94 -12.85 6.58
CA GLY A 130 -3.37 -11.73 5.87
C GLY A 130 -2.69 -12.33 4.67
N VAL A 131 -2.74 -11.65 3.53
CA VAL A 131 -2.08 -12.16 2.34
C VAL A 131 -1.36 -11.09 1.57
N ARG A 132 -0.21 -11.48 1.02
CA ARG A 132 0.66 -10.61 0.24
C ARG A 132 1.05 -11.32 -1.04
N ALA A 133 0.68 -10.73 -2.16
CA ALA A 133 1.01 -11.33 -3.44
C ALA A 133 1.12 -10.26 -4.53
N PHE A 134 2.36 -9.89 -4.86
CA PHE A 134 2.61 -8.90 -5.89
C PHE A 134 2.19 -9.50 -7.22
N PRO A 135 1.86 -8.65 -8.20
CA PRO A 135 1.46 -9.19 -9.50
C PRO A 135 2.62 -9.96 -10.11
N LYS A 136 2.34 -10.72 -11.16
CA LYS A 136 3.38 -11.52 -11.84
C LYS A 136 4.07 -10.74 -12.96
N PHE A 137 3.59 -9.53 -13.25
CA PHE A 137 4.14 -8.65 -14.28
C PHE A 137 4.10 -9.19 -15.71
N VAL A 138 3.42 -10.30 -15.94
CA VAL A 138 3.38 -10.85 -17.29
C VAL A 138 2.23 -10.28 -18.11
N ASP A 139 1.10 -10.05 -17.46
CA ASP A 139 -0.07 -9.51 -18.13
C ASP A 139 -0.95 -8.75 -17.16
N TRP A 140 -0.88 -7.43 -17.23
CA TRP A 140 -1.63 -6.57 -16.34
C TRP A 140 -3.11 -6.94 -16.32
N SER A 141 -3.66 -7.22 -17.50
CA SER A 141 -5.06 -7.59 -17.61
C SER A 141 -5.36 -8.66 -16.57
N LYS A 142 -4.50 -9.67 -16.50
CA LYS A 142 -4.70 -10.73 -15.54
C LYS A 142 -4.33 -10.32 -14.10
N ASP A 143 -3.31 -9.49 -13.95
CA ASP A 143 -2.89 -9.05 -12.62
C ASP A 143 -3.85 -8.04 -11.99
N ARG A 144 -4.59 -7.30 -12.80
CA ARG A 144 -5.49 -6.30 -12.25
C ARG A 144 -6.74 -6.90 -11.62
N GLU A 145 -6.92 -8.20 -11.79
CA GLU A 145 -8.08 -8.84 -11.21
C GLU A 145 -7.89 -9.19 -9.74
N ASP A 146 -6.68 -9.03 -9.24
CA ASP A 146 -6.39 -9.29 -7.83
C ASP A 146 -7.02 -10.61 -7.41
N GLN A 147 -6.73 -11.64 -8.19
CA GLN A 147 -7.24 -13.00 -7.99
C GLN A 147 -6.92 -13.65 -6.63
N VAL A 148 -5.68 -13.56 -6.18
CA VAL A 148 -5.30 -14.17 -4.91
C VAL A 148 -6.09 -13.60 -3.73
N LEU A 149 -6.13 -12.28 -3.63
CA LEU A 149 -6.84 -11.62 -2.55
C LEU A 149 -8.34 -11.89 -2.63
N LYS A 150 -8.87 -11.86 -3.83
CA LYS A 150 -10.29 -12.10 -4.02
C LYS A 150 -10.56 -13.55 -3.70
N SER A 151 -9.68 -14.43 -4.13
CA SER A 151 -9.87 -15.85 -3.84
C SER A 151 -9.93 -16.03 -2.34
N PHE A 152 -8.90 -15.54 -1.64
CA PHE A 152 -8.88 -15.65 -0.20
C PHE A 152 -10.17 -15.14 0.43
N ALA A 153 -10.58 -13.93 0.03
CA ALA A 153 -11.78 -13.34 0.57
C ALA A 153 -13.02 -14.21 0.35
N LYS A 154 -13.11 -14.83 -0.83
CA LYS A 154 -14.23 -15.68 -1.19
C LYS A 154 -14.35 -16.96 -0.39
N TYR A 155 -13.26 -17.73 -0.36
CA TYR A 155 -13.27 -19.01 0.33
C TYR A 155 -13.02 -18.99 1.84
N SER A 156 -12.44 -17.93 2.37
CA SER A 156 -12.15 -17.89 3.80
C SER A 156 -13.35 -17.57 4.67
N PRO A 157 -13.59 -18.39 5.68
CA PRO A 157 -14.71 -18.16 6.59
C PRO A 157 -14.36 -17.09 7.61
N VAL A 158 -13.11 -16.62 7.55
CA VAL A 158 -12.65 -15.57 8.47
C VAL A 158 -12.19 -14.34 7.70
N PRO A 159 -12.18 -13.16 8.36
CA PRO A 159 -11.78 -11.90 7.73
C PRO A 159 -10.40 -11.90 7.08
N VAL A 160 -10.33 -11.44 5.84
CA VAL A 160 -9.07 -11.38 5.10
C VAL A 160 -8.51 -9.97 5.04
N ILE A 161 -7.18 -9.86 5.16
CA ILE A 161 -6.48 -8.57 5.14
C ILE A 161 -5.43 -8.44 4.03
N ASN A 162 -5.57 -7.40 3.22
CA ASN A 162 -4.65 -7.14 2.13
C ASN A 162 -3.29 -6.63 2.66
N MET A 163 -2.25 -7.45 2.54
CA MET A 163 -0.91 -7.05 3.00
C MET A 163 -0.11 -6.51 1.82
N GLU A 164 -0.86 -6.24 0.75
CA GLU A 164 -0.39 -5.69 -0.51
C GLU A 164 -0.43 -6.65 -1.69
N THR A 165 -1.11 -6.20 -2.73
CA THR A 165 -1.25 -6.94 -3.97
C THR A 165 -1.13 -5.85 -5.04
N ILE A 166 -2.26 -5.42 -5.61
CA ILE A 166 -2.25 -4.35 -6.60
C ILE A 166 -2.61 -3.04 -5.89
N THR A 167 -2.87 -3.16 -4.59
CA THR A 167 -3.16 -2.03 -3.71
C THR A 167 -2.58 -2.39 -2.33
N HIS A 168 -2.18 -1.36 -1.59
CA HIS A 168 -1.57 -1.53 -0.27
C HIS A 168 -2.41 -0.75 0.74
N PRO A 169 -3.65 -1.21 1.02
CA PRO A 169 -4.49 -0.51 1.97
C PRO A 169 -3.86 -0.20 3.33
N CYS A 170 -3.18 -1.18 3.92
CA CYS A 170 -2.55 -0.96 5.23
C CYS A 170 -1.60 0.23 5.21
N GLN A 171 -0.74 0.27 4.20
CA GLN A 171 0.20 1.36 4.09
C GLN A 171 -0.51 2.71 4.04
N GLU A 172 -1.67 2.74 3.38
CA GLU A 172 -2.45 3.97 3.23
C GLU A 172 -2.75 4.64 4.56
N LEU A 173 -3.30 3.87 5.48
CA LEU A 173 -3.65 4.38 6.80
C LEU A 173 -2.42 4.81 7.61
N ALA A 174 -1.31 4.08 7.46
CA ALA A 174 -0.10 4.43 8.16
C ALA A 174 0.33 5.80 7.63
N HIS A 175 0.20 5.97 6.32
CA HIS A 175 0.56 7.21 5.67
C HIS A 175 -0.36 8.35 6.14
N ALA A 176 -1.67 8.08 6.10
CA ALA A 176 -2.67 9.05 6.50
C ALA A 176 -2.49 9.51 7.92
N LEU A 177 -2.06 8.60 8.81
CA LEU A 177 -1.88 8.94 10.20
C LEU A 177 -0.61 9.73 10.39
N ALA A 178 0.45 9.35 9.68
CA ALA A 178 1.71 10.08 9.80
C ALA A 178 1.47 11.52 9.37
N LEU A 179 0.56 11.71 8.42
CA LEU A 179 0.23 13.04 7.92
C LEU A 179 -0.61 13.82 8.92
N GLN A 180 -1.69 13.22 9.40
CA GLN A 180 -2.55 13.89 10.38
C GLN A 180 -1.71 14.24 11.58
N GLU A 181 -0.73 13.40 11.89
CA GLU A 181 0.13 13.68 13.02
C GLU A 181 0.98 14.89 12.70
N HIS A 182 1.62 14.89 11.53
CA HIS A 182 2.48 15.99 11.12
C HIS A 182 1.80 17.36 11.07
N PHE A 183 0.58 17.40 10.54
CA PHE A 183 -0.12 18.67 10.46
C PHE A 183 -0.97 18.96 11.69
N GLY A 184 -0.81 18.14 12.72
CA GLY A 184 -1.54 18.34 13.96
C GLY A 184 -3.05 18.26 13.93
N THR A 185 -3.61 17.81 12.81
CA THR A 185 -5.07 17.71 12.66
C THR A 185 -5.51 16.53 11.80
N PRO A 186 -6.73 16.04 12.01
CA PRO A 186 -7.22 14.92 11.19
C PRO A 186 -7.63 15.44 9.82
N ASP A 187 -8.10 16.68 9.79
CA ASP A 187 -8.54 17.30 8.55
C ASP A 187 -7.34 17.73 7.72
N LEU A 188 -7.12 17.05 6.60
CA LEU A 188 -6.01 17.37 5.74
C LEU A 188 -6.45 18.11 4.48
N ARG A 189 -7.72 18.48 4.41
CA ARG A 189 -8.24 19.20 3.25
C ARG A 189 -7.40 20.44 3.01
N GLY A 190 -7.31 20.88 1.76
CA GLY A 190 -6.55 22.08 1.48
C GLY A 190 -5.05 21.91 1.26
N LYS A 191 -4.52 20.77 1.68
CA LYS A 191 -3.10 20.51 1.51
C LYS A 191 -2.79 20.05 0.09
N LYS A 192 -1.69 20.57 -0.47
CA LYS A 192 -1.32 20.18 -1.83
C LYS A 192 -0.52 18.91 -1.72
N TYR A 193 -1.12 17.82 -2.19
CA TYR A 193 -0.48 16.52 -2.15
C TYR A 193 0.09 16.14 -3.50
N VAL A 194 1.40 15.96 -3.56
CA VAL A 194 2.04 15.58 -4.81
C VAL A 194 2.59 14.16 -4.77
N LEU A 195 1.91 13.25 -5.46
CA LEU A 195 2.33 11.85 -5.54
C LEU A 195 3.21 11.75 -6.77
N THR A 196 4.52 11.72 -6.56
CA THR A 196 5.47 11.66 -7.67
C THR A 196 6.06 10.31 -7.96
N TRP A 197 6.17 10.00 -9.25
CA TRP A 197 6.78 8.77 -9.70
C TRP A 197 8.26 9.07 -9.51
N THR A 198 9.08 8.05 -9.40
CA THR A 198 10.51 8.27 -9.24
C THR A 198 11.27 7.11 -9.86
N TYR A 199 12.52 7.33 -10.23
CA TYR A 199 13.31 6.31 -10.90
C TYR A 199 13.66 5.02 -10.15
N HIS A 200 13.84 3.95 -10.92
CA HIS A 200 14.23 2.64 -10.40
C HIS A 200 14.66 1.77 -11.58
N PRO A 201 15.91 1.25 -11.53
CA PRO A 201 16.44 0.40 -12.61
C PRO A 201 15.45 -0.62 -13.19
N LYS A 202 14.54 -1.13 -12.37
CA LYS A 202 13.55 -2.08 -12.86
C LYS A 202 12.14 -1.62 -12.55
N PRO A 203 11.16 -2.04 -13.36
CA PRO A 203 9.75 -1.67 -13.16
C PRO A 203 9.11 -2.32 -11.93
N LEU A 204 8.52 -1.52 -11.06
CA LEU A 204 7.91 -2.06 -9.84
C LEU A 204 6.39 -1.97 -9.83
N ASN A 205 5.81 -2.62 -8.83
CA ASN A 205 4.37 -2.69 -8.59
C ASN A 205 3.76 -1.29 -8.50
N THR A 206 2.54 -1.13 -9.00
CA THR A 206 1.87 0.17 -8.96
C THR A 206 1.08 0.29 -7.65
N ALA A 207 0.86 -0.86 -7.02
CA ALA A 207 0.10 -0.99 -5.77
C ALA A 207 0.11 0.22 -4.83
N VAL A 208 1.28 0.60 -4.35
CA VAL A 208 1.41 1.74 -3.45
C VAL A 208 0.94 3.05 -4.11
N ALA A 209 1.33 3.26 -5.36
CA ALA A 209 0.93 4.47 -6.07
C ALA A 209 -0.59 4.54 -6.11
N ASN A 210 -1.22 3.40 -6.35
CA ASN A 210 -2.66 3.38 -6.42
C ASN A 210 -3.21 3.73 -5.05
N SER A 211 -2.75 3.00 -4.04
CA SER A 211 -3.21 3.24 -2.68
C SER A 211 -2.99 4.68 -2.23
N ALA A 212 -1.89 5.29 -2.69
CA ALA A 212 -1.59 6.66 -2.33
C ALA A 212 -2.67 7.56 -2.93
N LEU A 213 -2.84 7.43 -4.24
CA LEU A 213 -3.82 8.22 -4.97
C LEU A 213 -5.19 8.07 -4.31
N THR A 214 -5.51 6.84 -3.95
CA THR A 214 -6.79 6.56 -3.33
C THR A 214 -6.96 7.24 -1.98
N ILE A 215 -5.96 7.14 -1.12
CA ILE A 215 -6.05 7.73 0.22
C ILE A 215 -5.88 9.25 0.21
N ALA A 216 -5.00 9.75 -0.65
CA ALA A 216 -4.77 11.19 -0.73
C ALA A 216 -6.04 11.93 -1.19
N THR A 217 -6.72 11.36 -2.17
CA THR A 217 -7.94 11.95 -2.70
C THR A 217 -9.08 11.78 -1.72
N ARG A 218 -9.07 10.64 -1.03
CA ARG A 218 -10.11 10.31 -0.06
C ARG A 218 -10.01 11.21 1.15
N MET A 219 -8.80 11.65 1.45
CA MET A 219 -8.57 12.52 2.60
C MET A 219 -8.88 13.97 2.25
N GLY A 220 -9.26 14.19 0.99
CA GLY A 220 -9.60 15.52 0.52
C GLY A 220 -8.46 16.48 0.34
N MET A 221 -7.40 16.05 -0.35
CA MET A 221 -6.27 16.92 -0.59
C MET A 221 -6.22 17.28 -2.06
N ASP A 222 -5.30 18.15 -2.42
CA ASP A 222 -5.17 18.57 -3.81
C ASP A 222 -4.13 17.75 -4.50
N VAL A 223 -4.48 16.48 -4.71
CA VAL A 223 -3.62 15.50 -5.35
C VAL A 223 -3.17 15.83 -6.78
N THR A 224 -1.88 15.64 -7.02
CA THR A 224 -1.28 15.86 -8.33
C THR A 224 -0.43 14.64 -8.66
N LEU A 225 -0.88 13.86 -9.61
CA LEU A 225 -0.15 12.68 -10.00
C LEU A 225 0.97 13.06 -10.96
N LEU A 226 2.18 13.19 -10.42
CA LEU A 226 3.36 13.54 -11.21
C LEU A 226 4.04 12.27 -11.73
N CYS A 227 4.25 12.21 -13.03
CA CYS A 227 4.93 11.06 -13.64
C CYS A 227 5.50 11.51 -14.97
N PRO A 228 6.48 10.77 -15.51
CA PRO A 228 7.07 11.13 -16.80
C PRO A 228 6.12 11.30 -18.00
N THR A 229 5.66 10.21 -18.60
CA THR A 229 4.76 10.28 -19.76
C THR A 229 3.38 9.70 -19.48
N PRO A 230 2.38 10.05 -20.31
CA PRO A 230 1.02 9.52 -20.09
C PRO A 230 1.06 8.01 -19.91
N ASP A 231 2.13 7.39 -20.36
CA ASP A 231 2.27 5.94 -20.22
C ASP A 231 2.33 5.53 -18.75
N TYR A 232 2.87 6.41 -17.92
CA TYR A 232 3.02 6.15 -16.50
C TYR A 232 1.82 6.46 -15.63
N ILE A 233 0.74 6.93 -16.23
CA ILE A 233 -0.49 7.23 -15.50
C ILE A 233 -1.08 5.91 -15.03
N LEU A 234 -1.58 5.89 -13.79
CA LEU A 234 -2.17 4.69 -13.20
C LEU A 234 -3.48 4.21 -13.83
N ASP A 235 -3.69 2.90 -13.74
CA ASP A 235 -4.90 2.26 -14.27
C ASP A 235 -6.14 3.15 -14.11
N GLU A 236 -7.15 2.95 -14.95
CA GLU A 236 -8.39 3.74 -14.88
C GLU A 236 -9.14 3.56 -13.56
N ARG A 237 -9.28 2.32 -13.13
CA ARG A 237 -9.99 2.02 -11.89
C ARG A 237 -9.57 2.98 -10.80
N TYR A 238 -8.27 3.08 -10.59
CA TYR A 238 -7.71 3.93 -9.56
C TYR A 238 -7.83 5.40 -9.87
N MET A 239 -7.69 5.77 -11.14
CA MET A 239 -7.83 7.18 -11.52
C MET A 239 -9.30 7.58 -11.35
N ASP A 240 -10.20 6.58 -11.39
CA ASP A 240 -11.62 6.84 -11.22
C ASP A 240 -12.04 6.84 -9.76
N TRP A 241 -11.45 5.95 -8.96
CA TRP A 241 -11.76 5.94 -7.53
C TRP A 241 -11.39 7.34 -7.03
N ALA A 242 -10.25 7.83 -7.51
CA ALA A 242 -9.72 9.13 -7.15
C ALA A 242 -10.72 10.24 -7.42
N ALA A 243 -11.37 10.18 -8.59
CA ALA A 243 -12.33 11.20 -8.99
C ALA A 243 -13.50 11.26 -8.01
N GLN A 244 -14.05 10.09 -7.70
CA GLN A 244 -15.16 10.02 -6.79
C GLN A 244 -14.77 10.52 -5.39
N ASN A 245 -13.50 10.32 -5.04
CA ASN A 245 -13.01 10.76 -3.74
C ASN A 245 -12.96 12.28 -3.69
N VAL A 246 -12.54 12.89 -4.80
CA VAL A 246 -12.46 14.34 -4.86
C VAL A 246 -13.87 14.88 -4.74
N ALA A 247 -14.77 14.34 -5.57
CA ALA A 247 -16.16 14.75 -5.56
C ALA A 247 -16.76 14.62 -4.16
N GLU A 248 -16.17 13.78 -3.32
CA GLU A 248 -16.67 13.55 -1.97
C GLU A 248 -15.98 14.37 -0.89
N SER A 249 -14.65 14.30 -0.87
CA SER A 249 -13.86 15.01 0.12
C SER A 249 -13.66 16.48 -0.21
N GLY A 250 -14.11 16.90 -1.38
CA GLY A 250 -13.95 18.30 -1.76
C GLY A 250 -12.49 18.67 -1.96
N GLY A 251 -11.73 17.79 -2.58
CA GLY A 251 -10.33 18.06 -2.85
C GLY A 251 -10.17 18.15 -4.35
N SER A 252 -9.06 17.66 -4.89
CA SER A 252 -8.87 17.71 -6.34
C SER A 252 -7.76 16.78 -6.84
N LEU A 253 -7.93 16.27 -8.06
CA LEU A 253 -6.94 15.39 -8.68
C LEU A 253 -6.40 16.09 -9.92
N GLN A 254 -5.15 15.85 -10.24
CA GLN A 254 -4.53 16.51 -11.38
C GLN A 254 -3.26 15.78 -11.80
N VAL A 255 -3.03 15.72 -13.11
CA VAL A 255 -1.85 15.07 -13.64
C VAL A 255 -0.85 16.11 -14.12
N SER A 256 0.43 15.80 -13.93
CA SER A 256 1.49 16.71 -14.32
C SER A 256 2.64 15.90 -14.85
N HIS A 257 3.21 16.34 -15.97
CA HIS A 257 4.34 15.67 -16.56
C HIS A 257 5.53 16.60 -16.37
N ASP A 258 5.26 17.77 -15.80
CA ASP A 258 6.32 18.74 -15.52
C ASP A 258 6.63 18.71 -14.03
N ILE A 259 7.88 18.46 -13.69
CA ILE A 259 8.27 18.40 -12.30
C ILE A 259 7.94 19.68 -11.54
N ASP A 260 8.83 20.67 -11.65
CA ASP A 260 8.67 21.94 -10.95
C ASP A 260 7.25 22.47 -10.79
N SER A 261 6.45 22.43 -11.85
CA SER A 261 5.10 22.94 -11.74
C SER A 261 4.37 22.18 -10.63
N ALA A 262 4.73 20.92 -10.45
CA ALA A 262 4.12 20.09 -9.43
C ALA A 262 4.65 20.41 -8.04
N TYR A 263 5.92 20.07 -7.80
CA TYR A 263 6.53 20.30 -6.51
C TYR A 263 6.23 21.69 -5.97
N ALA A 264 6.13 22.66 -6.87
CA ALA A 264 5.85 24.05 -6.54
C ALA A 264 4.91 24.24 -5.36
N GLY A 265 5.49 24.57 -4.21
CA GLY A 265 4.70 24.81 -3.01
C GLY A 265 3.81 23.70 -2.50
N ALA A 266 4.33 22.48 -2.43
CA ALA A 266 3.53 21.36 -1.94
C ALA A 266 3.64 21.22 -0.43
N ASP A 267 2.72 20.45 0.16
CA ASP A 267 2.72 20.20 1.60
C ASP A 267 3.22 18.78 1.85
N VAL A 268 2.81 17.86 0.98
CA VAL A 268 3.19 16.47 1.08
C VAL A 268 3.79 15.98 -0.23
N VAL A 269 4.77 15.10 -0.13
CA VAL A 269 5.39 14.54 -1.32
C VAL A 269 5.70 13.06 -1.11
N TYR A 270 5.01 12.22 -1.88
CA TYR A 270 5.17 10.78 -1.80
C TYR A 270 5.76 10.26 -3.08
N ALA A 271 6.95 9.67 -2.98
CA ALA A 271 7.64 9.12 -4.13
C ALA A 271 7.33 7.63 -4.22
N LYS A 272 7.39 7.11 -5.44
CA LYS A 272 7.12 5.71 -5.68
C LYS A 272 7.41 5.38 -7.14
N SER A 273 8.26 4.40 -7.36
CA SER A 273 8.60 3.98 -8.72
C SER A 273 7.73 2.80 -9.11
N TRP A 274 7.38 2.72 -10.39
CA TRP A 274 6.56 1.62 -10.88
C TRP A 274 6.69 1.55 -12.38
N GLY A 275 6.45 0.38 -12.95
CA GLY A 275 6.56 0.22 -14.38
C GLY A 275 5.29 0.70 -15.08
N ALA A 276 5.44 1.12 -16.34
CA ALA A 276 4.32 1.61 -17.15
C ALA A 276 3.43 0.43 -17.51
N LEU A 277 2.16 0.53 -17.13
CA LEU A 277 1.21 -0.52 -17.38
C LEU A 277 1.16 -1.00 -18.83
N PRO A 278 1.14 -0.07 -19.79
CA PRO A 278 1.09 -0.54 -21.17
C PRO A 278 2.17 -1.57 -21.54
N PHE A 279 3.35 -1.44 -20.93
CA PHE A 279 4.47 -2.33 -21.20
C PHE A 279 4.50 -3.62 -20.41
N PHE A 280 3.44 -3.92 -19.69
CA PHE A 280 3.41 -5.17 -18.95
C PHE A 280 3.66 -6.36 -19.88
N GLY A 281 4.64 -7.19 -19.53
CA GLY A 281 4.97 -8.35 -20.34
C GLY A 281 5.87 -7.99 -21.50
N ASN A 282 6.19 -6.70 -21.59
CA ASN A 282 7.03 -6.20 -22.66
C ASN A 282 7.82 -5.04 -22.09
N TRP A 283 8.74 -5.36 -21.18
CA TRP A 283 9.55 -4.36 -20.51
C TRP A 283 10.79 -3.90 -21.27
N GLU A 284 11.25 -4.73 -22.19
CA GLU A 284 12.43 -4.41 -23.01
C GLU A 284 12.38 -2.97 -23.49
N PRO A 285 11.32 -2.59 -24.24
CA PRO A 285 11.13 -1.25 -24.77
C PRO A 285 10.89 -0.15 -23.74
N GLU A 286 10.77 -0.52 -22.46
CA GLU A 286 10.56 0.48 -21.43
C GLU A 286 11.86 0.88 -20.74
N LYS A 287 12.80 -0.05 -20.65
CA LYS A 287 14.08 0.20 -20.02
C LYS A 287 14.64 1.52 -20.55
N PRO A 288 14.78 1.65 -21.87
CA PRO A 288 15.31 2.90 -22.44
C PRO A 288 14.47 4.14 -22.07
N ILE A 289 13.17 3.94 -21.87
CA ILE A 289 12.27 5.04 -21.54
C ILE A 289 12.42 5.53 -20.11
N ARG A 290 12.33 4.62 -19.14
CA ARG A 290 12.47 5.05 -17.77
C ARG A 290 13.87 5.64 -17.57
N ASP A 291 14.88 4.97 -18.10
CA ASP A 291 16.27 5.42 -17.97
C ASP A 291 16.48 6.90 -18.28
N GLN A 292 15.58 7.50 -19.05
CA GLN A 292 15.74 8.90 -19.37
C GLN A 292 14.94 9.81 -18.44
N TYR A 293 14.65 9.31 -17.25
CA TYR A 293 13.91 10.09 -16.27
C TYR A 293 14.49 9.94 -14.88
N GLN A 294 15.75 9.57 -14.81
CA GLN A 294 16.42 9.40 -13.53
C GLN A 294 16.40 10.70 -12.74
N HIS A 295 16.21 11.82 -13.43
CA HIS A 295 16.17 13.12 -12.76
C HIS A 295 14.92 13.25 -11.91
N PHE A 296 14.02 12.27 -12.00
CA PHE A 296 12.79 12.32 -11.23
C PHE A 296 13.07 12.03 -9.76
N ILE A 297 14.28 11.56 -9.49
CA ILE A 297 14.74 11.26 -8.15
C ILE A 297 14.36 12.44 -7.28
N VAL A 298 14.00 12.19 -6.02
CA VAL A 298 13.63 13.28 -5.13
C VAL A 298 14.89 13.85 -4.48
N ASP A 299 15.19 15.11 -4.78
CA ASP A 299 16.37 15.78 -4.22
C ASP A 299 16.02 17.06 -3.48
N GLU A 300 17.02 17.66 -2.84
CA GLU A 300 16.81 18.88 -2.08
C GLU A 300 16.21 19.99 -2.94
N ARG A 301 16.73 20.12 -4.15
CA ARG A 301 16.25 21.16 -5.05
C ARG A 301 14.74 21.12 -5.17
N LYS A 302 14.22 19.95 -5.46
CA LYS A 302 12.79 19.76 -5.62
C LYS A 302 12.06 20.01 -4.29
N MET A 303 12.66 19.54 -3.19
CA MET A 303 12.04 19.73 -1.89
C MET A 303 12.07 21.20 -1.51
N ALA A 304 12.98 21.95 -2.12
CA ALA A 304 13.08 23.37 -1.86
C ALA A 304 11.86 24.05 -2.46
N LEU A 305 11.44 23.61 -3.63
CA LEU A 305 10.30 24.19 -4.32
C LEU A 305 8.98 23.98 -3.59
N THR A 306 9.01 23.28 -2.45
CA THR A 306 7.79 23.02 -1.70
C THR A 306 7.56 23.96 -0.53
N ASN A 307 6.31 24.06 -0.13
CA ASN A 307 5.95 24.90 0.99
C ASN A 307 6.38 24.18 2.28
N ASN A 308 7.70 24.10 2.47
CA ASN A 308 8.28 23.42 3.62
C ASN A 308 7.55 22.09 3.80
N GLY A 309 7.29 21.44 2.67
CA GLY A 309 6.60 20.18 2.67
C GLY A 309 7.35 19.05 3.36
N VAL A 310 6.61 17.96 3.53
CA VAL A 310 7.11 16.77 4.18
C VAL A 310 7.24 15.69 3.10
N PHE A 311 8.31 14.91 3.16
CA PHE A 311 8.52 13.86 2.16
C PHE A 311 8.43 12.48 2.79
N SER A 312 7.84 11.54 2.06
CA SER A 312 7.73 10.18 2.56
C SER A 312 7.78 9.16 1.44
N HIS A 313 7.96 7.90 1.84
CA HIS A 313 8.04 6.76 0.94
C HIS A 313 7.64 5.53 1.78
N CYS A 314 7.05 4.53 1.13
CA CYS A 314 6.64 3.32 1.83
C CYS A 314 7.82 2.48 2.32
N LEU A 315 8.96 2.58 1.63
CA LEU A 315 10.13 1.78 1.95
C LEU A 315 9.78 0.39 1.48
N PRO A 316 10.77 -0.46 1.15
CA PRO A 316 12.22 -0.21 1.15
C PRO A 316 12.59 0.75 0.05
N LEU A 317 13.39 1.75 0.40
CA LEU A 317 13.81 2.75 -0.56
C LEU A 317 15.29 2.58 -0.98
N ARG A 318 15.55 2.68 -2.27
CA ARG A 318 16.91 2.60 -2.79
C ARG A 318 17.49 4.01 -2.76
N ARG A 319 18.42 4.25 -1.83
CA ARG A 319 19.04 5.57 -1.70
C ARG A 319 19.83 6.01 -2.92
N ASN A 320 19.75 7.30 -3.19
CA ASN A 320 20.45 7.91 -4.32
C ASN A 320 19.95 7.34 -5.63
N VAL A 321 18.69 6.93 -5.64
CA VAL A 321 18.06 6.40 -6.83
C VAL A 321 16.63 6.92 -6.80
N KCX A 322 15.93 6.67 -5.69
CA KCX A 322 14.57 7.17 -5.56
CB KCX A 322 13.72 6.21 -4.74
CG KCX A 322 13.60 4.81 -5.34
CD KCX A 322 12.62 3.94 -4.58
CE KCX A 322 12.55 2.57 -5.23
NZ KCX A 322 11.46 1.74 -4.74
C KCX A 322 14.63 8.53 -4.87
O KCX A 322 13.95 9.46 -5.27
CX KCX A 322 10.18 2.09 -4.79
OQ1 KCX A 322 9.31 1.31 -4.36
OQ2 KCX A 322 9.86 3.19 -5.25
N ALA A 323 15.45 8.62 -3.84
CA ALA A 323 15.61 9.88 -3.13
C ALA A 323 17.10 10.06 -2.89
N THR A 324 17.51 11.25 -2.50
CA THR A 324 18.93 11.51 -2.24
C THR A 324 19.20 11.34 -0.76
N ASP A 325 20.45 11.09 -0.40
CA ASP A 325 20.79 10.93 1.01
C ASP A 325 20.27 12.13 1.80
N ALA A 326 20.45 13.31 1.23
CA ALA A 326 20.02 14.54 1.90
C ALA A 326 18.55 14.44 2.27
N VAL A 327 17.71 14.26 1.26
CA VAL A 327 16.27 14.17 1.46
C VAL A 327 15.84 13.18 2.54
N MET A 328 16.52 12.03 2.63
CA MET A 328 16.18 11.03 3.64
C MET A 328 16.57 11.51 5.02
N ASP A 329 17.81 11.98 5.15
CA ASP A 329 18.28 12.46 6.44
C ASP A 329 17.60 13.77 6.82
N SER A 330 16.94 14.41 5.86
CA SER A 330 16.25 15.66 6.15
C SER A 330 15.14 15.43 7.18
N PRO A 331 14.96 16.39 8.10
CA PRO A 331 13.93 16.27 9.13
C PRO A 331 12.50 16.23 8.56
N ASN A 332 12.35 16.63 7.30
CA ASN A 332 11.02 16.63 6.69
C ASN A 332 10.62 15.26 6.19
N CYS A 333 11.58 14.34 6.23
CA CYS A 333 11.31 12.97 5.80
C CYS A 333 10.60 12.24 6.93
N ILE A 334 9.32 11.91 6.73
CA ILE A 334 8.58 11.23 7.77
C ILE A 334 8.33 9.75 7.47
N ALA A 335 9.17 9.19 6.61
CA ALA A 335 9.07 7.81 6.23
C ALA A 335 9.22 6.86 7.42
N ILE A 336 10.09 7.21 8.36
CA ILE A 336 10.32 6.37 9.53
C ILE A 336 9.10 6.33 10.44
N ASP A 337 8.47 7.49 10.62
CA ASP A 337 7.28 7.56 11.45
C ASP A 337 6.16 6.83 10.72
N GLU A 338 6.03 7.12 9.43
CA GLU A 338 5.00 6.47 8.63
C GLU A 338 5.11 4.96 8.73
N ALA A 339 6.36 4.46 8.73
CA ALA A 339 6.61 3.04 8.81
C ALA A 339 6.17 2.53 10.16
N GLU A 340 6.55 3.24 11.21
CA GLU A 340 6.17 2.83 12.53
C GLU A 340 4.66 2.75 12.69
N ASN A 341 3.94 3.71 12.11
CA ASN A 341 2.48 3.68 12.22
C ASN A 341 1.85 2.41 11.67
N ARG A 342 2.54 1.78 10.71
CA ARG A 342 2.06 0.54 10.14
C ARG A 342 1.67 -0.45 11.25
N LEU A 343 2.38 -0.38 12.37
CA LEU A 343 2.14 -1.26 13.51
C LEU A 343 0.86 -0.86 14.25
N HIS A 344 0.64 0.44 14.37
CA HIS A 344 -0.55 0.94 15.07
C HIS A 344 -1.81 0.82 14.23
N VAL A 345 -1.68 1.15 12.95
CA VAL A 345 -2.79 1.09 12.01
C VAL A 345 -3.29 -0.36 11.88
N GLN A 346 -2.37 -1.29 11.72
CA GLN A 346 -2.69 -2.70 11.56
C GLN A 346 -3.31 -3.33 12.80
N LYS A 347 -3.00 -2.79 13.97
CA LYS A 347 -3.58 -3.33 15.19
C LYS A 347 -5.02 -2.89 15.24
N ALA A 348 -5.29 -1.70 14.72
CA ALA A 348 -6.64 -1.17 14.68
C ALA A 348 -7.47 -2.00 13.70
N ILE A 349 -6.85 -2.39 12.60
CA ILE A 349 -7.56 -3.18 11.59
C ILE A 349 -7.87 -4.56 12.12
N MET A 350 -6.92 -5.17 12.80
CA MET A 350 -7.20 -6.50 13.33
C MET A 350 -8.27 -6.45 14.40
N ALA A 351 -8.07 -5.62 15.42
CA ALA A 351 -9.04 -5.49 16.50
C ALA A 351 -10.42 -5.26 15.92
N ALA A 352 -10.49 -4.46 14.86
CA ALA A 352 -11.76 -4.18 14.24
C ALA A 352 -12.34 -5.49 13.71
N LEU A 353 -11.66 -6.07 12.72
CA LEU A 353 -12.13 -7.31 12.08
C LEU A 353 -12.59 -8.47 12.95
N VAL A 354 -12.09 -8.59 14.18
CA VAL A 354 -12.52 -9.71 15.01
C VAL A 354 -13.83 -9.44 15.74
CA SN0 B . 7.31 -3.34 -3.49
C SN0 B . 6.46 -2.48 -4.41
O SN0 B . 5.29 -2.22 -4.08
OXT SN0 B . 6.98 -2.07 -5.47
CB SN0 B . 6.77 -3.25 -2.05
CG SN0 B . 6.80 -1.86 -1.46
CD SN0 B . 6.05 -1.81 -0.15
N1 SN0 B . 8.74 -3.02 -3.58
C1 SN0 B . 9.58 -3.79 -4.26
O1 SN0 B . 9.32 -4.97 -4.50
C2 SN0 B . 10.86 -3.09 -4.70
C3 SN0 B . 12.06 -4.03 -4.88
C4 SN0 B . 13.34 -3.33 -5.25
OD1 SN0 B . 13.39 -2.11 -5.51
OD2 SN0 B . 14.36 -4.05 -5.29
N CP C . 5.98 -0.99 3.24
C CP C . 6.17 -2.31 3.16
O CP C . 5.30 -3.10 2.79
O4P CP C . 7.48 -2.71 3.54
P CP C . 7.83 -4.26 3.43
O1P CP C . 7.91 -4.46 1.85
O2P CP C . 6.67 -5.25 3.96
O3P CP C . 9.21 -4.48 4.25
S SO4 D . 4.57 -16.18 21.04
O1 SO4 D . 5.18 -14.98 21.64
O2 SO4 D . 5.23 -16.50 19.77
O3 SO4 D . 4.77 -17.34 21.98
O4 SO4 D . 3.14 -15.94 20.82
#